data_6ET8
#
_entry.id   6ET8
#
_cell.length_a   54.070
_cell.length_b   123.350
_cell.length_c   159.200
_cell.angle_alpha   90.00
_cell.angle_beta   90.00
_cell.angle_gamma   90.00
#
_symmetry.space_group_name_H-M   'C 2 2 21'
#
loop_
_entity.id
_entity.type
_entity.pdbx_description
1 polymer 'Albicidin resistance protein'
2 non-polymer albicidin
3 non-polymer 'SULFATE ION'
4 water water
#
_entity_poly.entity_id   1
_entity_poly.type   'polypeptide(L)'
_entity_poly.pdbx_seq_one_letter_code
;H(MSE)YDRWFSQQELQVLPFAEQDEQRNQTWLELVGEAQQL(MSE)GERCPADEPRAIALATRW(MSE)EQLEQDTAGR
PEFLTRLNE(MSE)HAAEPQ(MSE)REQTGVTPE(MSE)IDFITRAFAESKLAIWARYLNAEELAFTRQHYFDRL(MSE)
EWPALVADLHRACREKRDPASPEGQQLAQRWLALFQSYAGKDAQTQQKFRYA(MSE)EQEPHL(MSE)KGTW(MSE)TSE
VLSWLQQAIGV(MSE)(MSE)RQAQGPAAE
;
_entity_poly.pdbx_strand_id   A,B
#
# COMPACT_ATOMS: atom_id res chain seq x y z
N HIS A 1 -18.46 14.62 -21.41
CA HIS A 1 -17.09 14.16 -21.48
C HIS A 1 -16.52 13.81 -20.11
N TYR A 3 -13.74 14.29 -18.03
CA TYR A 3 -13.27 15.12 -16.93
C TYR A 3 -14.39 15.96 -16.34
N ASP A 4 -15.40 16.31 -17.14
CA ASP A 4 -16.52 17.10 -16.64
C ASP A 4 -17.35 16.35 -15.60
N ARG A 5 -17.31 15.02 -15.60
CA ARG A 5 -17.98 14.26 -14.57
C ARG A 5 -17.26 14.32 -13.23
N TRP A 6 -16.02 14.82 -13.20
CA TRP A 6 -15.20 14.72 -12.01
C TRP A 6 -14.62 16.04 -11.52
N PHE A 7 -14.65 17.10 -12.31
CA PHE A 7 -14.04 18.38 -12.00
C PHE A 7 -15.08 19.48 -12.19
N SER A 8 -15.06 20.49 -11.33
CA SER A 8 -15.93 21.63 -11.56
C SER A 8 -15.46 22.44 -12.76
N GLN A 9 -16.34 23.32 -13.25
CA GLN A 9 -15.98 24.13 -14.41
C GLN A 9 -14.73 24.96 -14.12
N GLN A 10 -14.65 25.50 -12.91
CA GLN A 10 -13.48 26.30 -12.55
C GLN A 10 -12.22 25.45 -12.45
N GLU A 11 -12.33 24.25 -11.85
CA GLU A 11 -11.19 23.33 -11.83
C GLU A 11 -10.76 22.95 -13.25
N LEU A 12 -11.72 22.76 -14.16
CA LEU A 12 -11.36 22.30 -15.49
C LEU A 12 -10.46 23.30 -16.22
N GLN A 13 -10.63 24.59 -15.95
CA GLN A 13 -9.82 25.58 -16.65
C GLN A 13 -8.36 25.61 -16.18
N VAL A 14 -8.06 25.05 -15.01
CA VAL A 14 -6.68 25.00 -14.54
C VAL A 14 -6.16 23.56 -14.49
N LEU A 15 -6.85 22.61 -15.14
CA LEU A 15 -6.41 21.22 -15.24
C LEU A 15 -5.80 20.98 -16.60
N PRO A 16 -4.48 20.78 -16.72
CA PRO A 16 -3.89 20.64 -18.07
C PRO A 16 -4.48 19.47 -18.86
N PHE A 17 -4.79 18.36 -18.20
CA PHE A 17 -5.35 17.20 -18.91
C PHE A 17 -6.58 17.59 -19.72
N ALA A 18 -7.39 18.52 -19.20
CA ALA A 18 -8.64 18.86 -19.87
C ALA A 18 -8.45 19.63 -21.17
N GLU A 19 -7.21 20.00 -21.52
CA GLU A 19 -6.94 20.71 -22.77
C GLU A 19 -7.01 19.83 -24.00
N GLN A 20 -6.84 18.52 -23.86
CA GLN A 20 -6.64 17.62 -25.00
C GLN A 20 -5.58 18.19 -25.95
N ASP A 21 -4.50 18.68 -25.35
CA ASP A 21 -3.33 19.08 -26.11
C ASP A 21 -2.75 17.87 -26.83
N GLU A 22 -2.54 18.03 -28.13
CA GLU A 22 -2.03 16.92 -28.95
C GLU A 22 -0.65 16.48 -28.48
N GLN A 23 0.23 17.43 -28.17
CA GLN A 23 1.58 17.04 -27.75
C GLN A 23 1.56 16.34 -26.40
N ARG A 24 0.72 16.80 -25.45
CA ARG A 24 0.61 16.11 -24.18
C ARG A 24 0.06 14.70 -24.38
N ASN A 25 -0.90 14.53 -25.30
CA ASN A 25 -1.47 13.21 -25.52
C ASN A 25 -0.45 12.23 -26.08
N GLN A 26 0.38 12.70 -27.01
CA GLN A 26 1.44 11.87 -27.58
C GLN A 26 2.47 11.51 -26.53
N THR A 27 2.81 12.44 -25.64
CA THR A 27 3.73 12.13 -24.55
C THR A 27 3.20 11.00 -23.68
N TRP A 28 1.91 11.06 -23.33
CA TRP A 28 1.34 9.98 -22.53
C TRP A 28 1.20 8.69 -23.33
N LEU A 29 0.92 8.80 -24.65
CA LEU A 29 0.90 7.62 -25.50
C LEU A 29 2.21 6.87 -25.42
N GLU A 30 3.33 7.60 -25.41
CA GLU A 30 4.64 6.98 -25.33
C GLU A 30 4.91 6.46 -23.93
N LEU A 31 4.51 7.20 -22.90
CA LEU A 31 4.74 6.73 -21.53
C LEU A 31 3.97 5.43 -21.28
N VAL A 32 2.73 5.35 -21.75
CA VAL A 32 1.94 4.15 -21.56
C VAL A 32 2.51 2.98 -22.37
N GLY A 33 2.88 3.24 -23.63
CA GLY A 33 3.43 2.18 -24.46
C GLY A 33 4.72 1.63 -23.90
N GLU A 34 5.58 2.49 -23.36
N GLU A 34 5.58 2.50 -23.37
CA GLU A 34 6.82 2.02 -22.74
CA GLU A 34 6.81 2.06 -22.73
C GLU A 34 6.54 1.21 -21.48
C GLU A 34 6.52 1.21 -21.50
N ALA A 35 5.56 1.63 -20.68
CA ALA A 35 5.19 0.84 -19.51
C ALA A 35 4.62 -0.52 -19.92
N GLN A 36 3.77 -0.54 -20.95
CA GLN A 36 3.23 -1.81 -21.45
C GLN A 36 4.36 -2.74 -21.86
N GLN A 37 5.38 -2.22 -22.55
CA GLN A 37 6.46 -3.06 -23.02
C GLN A 37 7.25 -3.64 -21.85
N LEU A 38 7.56 -2.82 -20.84
CA LEU A 38 8.28 -3.36 -19.69
C LEU A 38 7.45 -4.39 -18.93
N GLY A 40 5.04 -6.36 -20.08
CA GLY A 40 4.91 -7.59 -20.86
C GLY A 40 6.16 -8.45 -20.82
N GLU A 41 7.32 -7.84 -20.63
CA GLU A 41 8.61 -8.50 -20.47
C GLU A 41 8.88 -8.93 -19.04
N ARG A 42 7.98 -8.62 -18.12
CA ARG A 42 8.20 -8.80 -16.68
C ARG A 42 9.52 -8.16 -16.23
N CYS A 43 9.78 -6.97 -16.75
CA CYS A 43 10.95 -6.20 -16.35
C CYS A 43 10.95 -5.93 -14.84
N PRO A 44 12.03 -6.23 -14.14
CA PRO A 44 12.12 -5.86 -12.72
C PRO A 44 12.07 -4.35 -12.53
N ALA A 45 11.32 -3.92 -11.51
CA ALA A 45 11.12 -2.49 -11.29
C ALA A 45 12.39 -1.76 -10.92
N ASP A 46 13.45 -2.47 -10.48
CA ASP A 46 14.72 -1.82 -10.15
C ASP A 46 15.69 -1.75 -11.33
N GLU A 47 15.31 -2.19 -12.53
CA GLU A 47 16.18 -1.99 -13.67
C GLU A 47 16.27 -0.49 -14.01
N PRO A 48 17.42 -0.03 -14.50
CA PRO A 48 17.53 1.38 -14.92
C PRO A 48 16.41 1.86 -15.83
N ARG A 49 16.05 1.09 -16.86
CA ARG A 49 15.02 1.57 -17.78
C ARG A 49 13.66 1.73 -17.09
N ALA A 50 13.36 0.91 -16.08
CA ALA A 50 12.10 1.05 -15.35
C ALA A 50 12.13 2.27 -14.45
N ILE A 51 13.22 2.44 -13.70
CA ILE A 51 13.40 3.62 -12.85
C ILE A 51 13.31 4.90 -13.66
N ALA A 52 13.97 4.92 -14.83
CA ALA A 52 13.95 6.12 -15.67
C ALA A 52 12.55 6.41 -16.17
N LEU A 53 11.82 5.37 -16.59
CA LEU A 53 10.44 5.55 -17.04
C LEU A 53 9.56 6.09 -15.92
N ALA A 54 9.71 5.55 -14.70
CA ALA A 54 8.84 5.97 -13.62
C ALA A 54 9.13 7.40 -13.23
N THR A 55 10.41 7.81 -13.29
CA THR A 55 10.76 9.19 -13.03
C THR A 55 10.08 10.12 -14.03
N ARG A 56 10.09 9.75 -15.32
CA ARG A 56 9.38 10.57 -16.31
C ARG A 56 7.89 10.64 -16.02
N TRP A 57 7.29 9.51 -15.62
CA TRP A 57 5.85 9.47 -15.29
C TRP A 57 5.51 10.47 -14.21
N GLU A 59 7.24 13.13 -13.08
N GLU A 59 7.22 13.15 -13.09
CA GLU A 59 7.46 14.50 -13.56
CA GLU A 59 7.42 14.54 -13.52
C GLU A 59 6.27 14.97 -14.39
C GLU A 59 6.25 14.99 -14.39
N GLN A 60 5.88 14.17 -15.38
CA GLN A 60 4.78 14.53 -16.26
C GLN A 60 3.47 14.61 -15.49
N LEU A 61 3.21 13.64 -14.58
CA LEU A 61 1.95 13.66 -13.87
C LEU A 61 1.83 14.87 -12.94
N GLU A 62 2.95 15.28 -12.32
CA GLU A 62 2.86 16.48 -11.49
C GLU A 62 2.53 17.71 -12.33
N GLN A 63 3.19 17.85 -13.48
CA GLN A 63 2.88 18.95 -14.37
C GLN A 63 1.42 18.91 -14.83
N ASP A 64 0.94 17.73 -15.20
CA ASP A 64 -0.36 17.65 -15.84
C ASP A 64 -1.51 17.69 -14.84
N THR A 65 -1.24 17.48 -13.54
CA THR A 65 -2.20 17.78 -12.49
C THR A 65 -2.04 19.18 -11.92
N ALA A 66 -1.25 20.03 -12.59
CA ALA A 66 -1.04 21.43 -12.21
C ALA A 66 -0.43 21.52 -10.83
N GLY A 67 0.29 20.47 -10.42
CA GLY A 67 0.94 20.49 -9.14
C GLY A 67 -0.01 20.51 -7.97
N ARG A 68 -1.28 20.15 -8.19
CA ARG A 68 -2.28 20.23 -7.13
CA ARG A 68 -2.28 20.23 -7.13
C ARG A 68 -2.55 18.83 -6.60
N PRO A 69 -2.20 18.53 -5.34
CA PRO A 69 -2.43 17.17 -4.83
C PRO A 69 -3.88 16.75 -4.91
N GLU A 70 -4.82 17.69 -4.80
CA GLU A 70 -6.23 17.35 -4.88
C GLU A 70 -6.62 16.89 -6.28
N PHE A 71 -5.93 17.38 -7.31
CA PHE A 71 -6.17 16.88 -8.66
C PHE A 71 -5.61 15.48 -8.82
N LEU A 72 -4.44 15.19 -8.22
CA LEU A 72 -3.93 13.81 -8.21
C LEU A 72 -4.93 12.85 -7.58
N THR A 73 -5.47 13.21 -6.42
N THR A 73 -5.45 13.22 -6.40
CA THR A 73 -6.40 12.29 -5.76
CA THR A 73 -6.41 12.37 -5.72
C THR A 73 -7.72 12.20 -6.52
C THR A 73 -7.66 12.18 -6.57
N ARG A 74 -8.09 13.25 -7.27
CA ARG A 74 -9.25 13.12 -8.14
C ARG A 74 -9.02 12.07 -9.24
N LEU A 75 -7.84 12.07 -9.85
CA LEU A 75 -7.53 11.03 -10.83
C LEU A 75 -7.59 9.65 -10.20
N ASN A 76 -7.12 9.51 -8.95
CA ASN A 76 -7.21 8.21 -8.31
C ASN A 76 -8.66 7.80 -8.07
N GLU A 77 -9.52 8.76 -7.74
CA GLU A 77 -10.93 8.45 -7.64
C GLU A 77 -11.47 7.96 -8.98
N HIS A 79 -9.69 6.38 -11.37
CA HIS A 79 -9.21 5.01 -11.62
C HIS A 79 -10.06 3.99 -10.87
N ALA A 80 -10.60 4.36 -9.70
CA ALA A 80 -11.45 3.44 -8.95
C ALA A 80 -12.88 3.35 -9.49
N ALA A 81 -13.41 4.42 -10.10
CA ALA A 81 -14.83 4.46 -10.34
C ALA A 81 -15.28 4.99 -11.70
N GLU A 82 -14.38 5.49 -12.55
CA GLU A 82 -14.78 6.01 -13.86
C GLU A 82 -14.64 4.89 -14.89
N PRO A 83 -15.74 4.39 -15.46
CA PRO A 83 -15.66 3.26 -16.41
C PRO A 83 -14.79 3.53 -17.63
N GLN A 84 -14.74 4.77 -18.09
CA GLN A 84 -14.02 5.09 -19.32
C GLN A 84 -12.53 5.31 -19.11
N ARG A 86 -9.65 3.51 -18.48
N ARG A 86 -9.69 3.52 -18.50
CA ARG A 86 -8.68 2.76 -19.28
CA ARG A 86 -8.72 2.72 -19.25
C ARG A 86 -8.80 3.10 -20.75
C ARG A 86 -8.81 3.02 -20.74
N GLU A 87 -10.03 3.15 -21.27
CA GLU A 87 -10.21 3.43 -22.68
C GLU A 87 -9.67 4.80 -23.06
N GLN A 88 -9.91 5.80 -22.22
CA GLN A 88 -9.50 7.15 -22.58
C GLN A 88 -8.01 7.41 -22.32
N THR A 89 -7.40 6.76 -21.33
CA THR A 89 -6.03 7.09 -20.95
C THR A 89 -5.01 6.01 -21.25
N GLY A 90 -5.42 4.75 -21.39
CA GLY A 90 -4.50 3.63 -21.49
C GLY A 90 -3.87 3.24 -20.17
N VAL A 91 -4.15 3.97 -19.12
CA VAL A 91 -3.54 3.71 -17.81
C VAL A 91 -4.44 2.76 -17.02
N THR A 92 -3.84 1.73 -16.42
CA THR A 92 -4.58 0.69 -15.71
C THR A 92 -4.06 0.63 -14.28
N PRO A 93 -4.81 0.04 -13.37
CA PRO A 93 -4.27 -0.10 -11.99
C PRO A 93 -3.04 -0.98 -11.92
N GLU A 94 -2.95 -2.02 -12.75
CA GLU A 94 -1.75 -2.85 -12.81
C GLU A 94 -0.54 -2.05 -13.26
N ILE A 96 -0.17 1.23 -12.97
CA ILE A 96 0.18 2.15 -11.88
C ILE A 96 0.98 1.42 -10.81
N ASP A 97 0.64 0.16 -10.53
CA ASP A 97 1.40 -0.62 -9.53
C ASP A 97 2.85 -0.78 -9.96
N PHE A 98 3.08 -1.05 -11.24
CA PHE A 98 4.44 -1.16 -11.74
C PHE A 98 5.20 0.16 -11.57
N ILE A 99 4.60 1.26 -12.05
CA ILE A 99 5.24 2.57 -11.93
C ILE A 99 5.50 2.92 -10.47
N THR A 100 4.55 2.61 -9.57
CA THR A 100 4.76 2.89 -8.15
C THR A 100 6.03 2.22 -7.64
N ARG A 101 6.24 0.95 -7.99
CA ARG A 101 7.39 0.23 -7.44
C ARG A 101 8.68 0.69 -8.11
N ALA A 102 8.62 0.99 -9.42
CA ALA A 102 9.80 1.53 -10.08
C ALA A 102 10.16 2.91 -9.52
N PHE A 103 9.15 3.71 -9.19
CA PHE A 103 9.45 5.02 -8.60
C PHE A 103 10.03 4.87 -7.20
N ALA A 104 9.50 3.92 -6.44
CA ALA A 104 10.11 3.59 -5.15
C ALA A 104 11.58 3.24 -5.31
N GLU A 105 11.88 2.36 -6.28
CA GLU A 105 13.26 1.98 -6.51
C GLU A 105 14.10 3.17 -6.95
N SER A 106 13.50 4.16 -7.63
CA SER A 106 14.29 5.34 -7.98
C SER A 106 14.76 6.08 -6.73
N LYS A 107 14.00 6.00 -5.64
CA LYS A 107 14.42 6.63 -4.39
C LYS A 107 15.33 5.74 -3.59
N LEU A 108 15.05 4.43 -3.58
CA LEU A 108 15.95 3.49 -2.89
C LEU A 108 17.34 3.53 -3.49
N ALA A 109 17.46 3.80 -4.80
CA ALA A 109 18.78 3.89 -5.41
C ALA A 109 19.56 5.06 -4.84
N ILE A 110 18.88 6.17 -4.52
CA ILE A 110 19.55 7.30 -3.91
C ILE A 110 19.84 7.04 -2.43
N TRP A 111 18.85 6.50 -1.72
CA TRP A 111 19.04 6.25 -0.29
C TRP A 111 20.15 5.24 -0.04
N ALA A 112 20.42 4.36 -1.03
CA ALA A 112 21.48 3.37 -0.88
C ALA A 112 22.84 4.02 -0.64
N ARG A 113 23.01 5.26 -1.04
CA ARG A 113 24.29 5.94 -0.85
C ARG A 113 24.42 6.57 0.52
N TYR A 114 23.34 6.60 1.30
CA TYR A 114 23.32 7.22 2.62
C TYR A 114 23.10 6.22 3.74
N LEU A 115 22.41 5.12 3.46
CA LEU A 115 22.02 4.10 4.44
C LEU A 115 22.95 2.89 4.39
N ASN A 116 22.99 2.14 5.50
CA ASN A 116 23.63 0.84 5.48
C ASN A 116 22.64 -0.20 4.94
N ALA A 117 23.11 -1.44 4.76
CA ALA A 117 22.29 -2.44 4.09
C ALA A 117 21.03 -2.77 4.89
N GLU A 118 21.13 -2.73 6.21
N GLU A 118 21.15 -2.77 6.22
CA GLU A 118 19.99 -3.12 7.03
CA GLU A 118 20.02 -3.11 7.08
C GLU A 118 18.92 -2.05 7.04
C GLU A 118 18.93 -2.05 6.98
N GLU A 119 19.32 -0.77 7.02
CA GLU A 119 18.36 0.32 6.91
C GLU A 119 17.68 0.30 5.55
N LEU A 120 18.45 0.05 4.50
CA LEU A 120 17.89 -0.02 3.15
C LEU A 120 16.87 -1.16 3.04
N ALA A 121 17.19 -2.33 3.61
CA ALA A 121 16.27 -3.45 3.55
C ALA A 121 14.97 -3.14 4.29
N PHE A 122 15.08 -2.53 5.48
CA PHE A 122 13.87 -2.14 6.21
C PHE A 122 12.98 -1.23 5.36
N THR A 123 13.57 -0.17 4.77
CA THR A 123 12.78 0.79 4.01
C THR A 123 12.26 0.19 2.71
N ARG A 124 13.05 -0.68 2.06
CA ARG A 124 12.54 -1.29 0.82
C ARG A 124 11.25 -2.08 1.07
N GLN A 125 11.15 -2.71 2.25
CA GLN A 125 9.90 -3.34 2.69
C GLN A 125 8.87 -2.27 3.08
N HIS A 126 9.19 -1.43 4.04
CA HIS A 126 8.15 -0.66 4.69
C HIS A 126 7.76 0.63 3.97
N TYR A 127 8.52 1.04 2.95
CA TYR A 127 8.14 2.17 2.12
C TYR A 127 6.69 2.06 1.66
N PHE A 128 6.23 0.84 1.40
CA PHE A 128 4.90 0.64 0.83
C PHE A 128 3.80 0.55 1.88
N ASP A 129 4.15 0.48 3.17
CA ASP A 129 3.13 0.21 4.20
C ASP A 129 2.03 1.25 4.21
N ARG A 130 2.38 2.53 4.10
CA ARG A 130 1.41 3.62 4.20
C ARG A 130 1.63 4.62 3.07
N LEU A 131 2.33 4.20 2.02
CA LEU A 131 2.63 5.08 0.89
C LEU A 131 1.37 5.81 0.37
N GLU A 133 -1.22 6.86 1.76
CA GLU A 133 -1.82 7.90 2.60
C GLU A 133 -1.14 9.26 2.43
N TRP A 134 -0.04 9.34 1.72
CA TRP A 134 0.66 10.64 1.60
C TRP A 134 -0.16 11.69 0.84
N PRO A 135 -0.82 11.39 -0.28
CA PRO A 135 -1.50 12.49 -1.00
C PRO A 135 -2.57 13.20 -0.16
N ALA A 136 -3.32 12.46 0.67
CA ALA A 136 -4.29 13.09 1.56
C ALA A 136 -3.60 14.03 2.55
N LEU A 137 -2.45 13.61 3.09
CA LEU A 137 -1.71 14.49 4.00
C LEU A 137 -1.19 15.72 3.25
N VAL A 138 -0.62 15.53 2.06
CA VAL A 138 -0.09 16.67 1.31
C VAL A 138 -1.20 17.68 1.03
N ALA A 139 -2.39 17.20 0.65
CA ALA A 139 -3.51 18.11 0.44
C ALA A 139 -3.84 18.89 1.72
N ASP A 140 -3.85 18.21 2.87
CA ASP A 140 -4.12 18.89 4.14
C ASP A 140 -3.00 19.84 4.51
N LEU A 141 -1.75 19.53 4.15
CA LEU A 141 -0.67 20.49 4.36
C LEU A 141 -0.82 21.71 3.47
N HIS A 142 -1.19 21.51 2.19
CA HIS A 142 -1.39 22.66 1.32
C HIS A 142 -2.45 23.60 1.89
N ARG A 143 -3.57 23.04 2.39
N ARG A 143 -3.57 23.05 2.38
CA ARG A 143 -4.60 23.89 2.95
CA ARG A 143 -4.60 23.90 2.95
C ARG A 143 -4.10 24.62 4.18
C ARG A 143 -4.09 24.64 4.18
N ALA A 144 -3.35 23.95 5.05
CA ALA A 144 -2.84 24.59 6.26
C ALA A 144 -1.85 25.70 5.92
N CYS A 145 -0.87 25.41 5.05
CA CYS A 145 0.09 26.42 4.64
C CYS A 145 -0.60 27.58 3.96
N ARG A 146 -1.71 27.31 3.26
CA ARG A 146 -2.44 28.37 2.56
C ARG A 146 -3.06 29.34 3.54
N GLU A 147 -3.67 28.82 4.60
CA GLU A 147 -4.37 29.63 5.59
C GLU A 147 -3.44 30.14 6.68
N LYS A 148 -2.13 30.03 6.49
CA LYS A 148 -1.15 30.47 7.49
C LYS A 148 -1.52 29.95 8.87
N ARG A 149 -1.97 28.70 8.94
CA ARG A 149 -2.17 28.04 10.21
C ARG A 149 -0.89 28.09 11.01
N ASP A 150 -1.02 28.36 12.30
CA ASP A 150 0.15 28.40 13.16
C ASP A 150 0.74 26.99 13.21
N PRO A 151 2.00 26.80 12.78
CA PRO A 151 2.59 25.45 12.85
C PRO A 151 2.64 24.88 14.26
N ALA A 152 2.68 25.74 15.27
CA ALA A 152 2.77 25.32 16.67
C ALA A 152 1.41 25.11 17.33
N SER A 153 0.32 25.31 16.61
CA SER A 153 -1.00 25.17 17.19
C SER A 153 -1.35 23.69 17.30
N PRO A 154 -2.40 23.34 18.05
CA PRO A 154 -2.83 21.93 18.06
C PRO A 154 -3.14 21.38 16.69
N GLU A 155 -3.81 22.16 15.83
N GLU A 155 -3.83 22.14 15.83
CA GLU A 155 -4.15 21.70 14.49
CA GLU A 155 -4.14 21.64 14.50
C GLU A 155 -2.91 21.53 13.63
C GLU A 155 -2.88 21.49 13.65
N GLY A 156 -1.89 22.37 13.83
CA GLY A 156 -0.65 22.22 13.12
C GLY A 156 0.16 21.03 13.64
N GLN A 157 0.14 20.82 14.96
CA GLN A 157 0.87 19.69 15.53
C GLN A 157 0.23 18.35 15.18
N GLN A 158 -1.09 18.32 14.93
CA GLN A 158 -1.72 17.10 14.44
C GLN A 158 -1.21 16.73 13.06
N LEU A 159 -0.99 17.75 12.22
CA LEU A 159 -0.41 17.50 10.91
C LEU A 159 1.01 17.02 11.03
N ALA A 160 1.81 17.66 11.89
CA ALA A 160 3.18 17.21 12.08
C ALA A 160 3.20 15.77 12.61
N GLN A 161 2.25 15.44 13.51
CA GLN A 161 2.19 14.07 14.04
C GLN A 161 1.83 13.07 12.96
N ARG A 162 0.94 13.44 12.03
CA ARG A 162 0.64 12.57 10.91
C ARG A 162 1.85 12.40 10.01
N TRP A 163 2.63 13.48 9.79
CA TRP A 163 3.87 13.33 9.03
C TRP A 163 4.81 12.36 9.73
N LEU A 164 5.00 12.52 11.04
CA LEU A 164 5.94 11.64 11.75
C LEU A 164 5.52 10.18 11.61
N ALA A 165 4.22 9.90 11.71
CA ALA A 165 3.76 8.52 11.62
C ALA A 165 4.06 7.94 10.24
N LEU A 166 3.83 8.71 9.16
CA LEU A 166 4.12 8.20 7.82
C LEU A 166 5.64 8.09 7.59
N PHE A 167 6.40 9.05 8.10
CA PHE A 167 7.86 9.05 8.00
C PHE A 167 8.47 7.88 8.76
N GLN A 168 8.09 7.71 10.04
CA GLN A 168 8.61 6.58 10.80
C GLN A 168 8.14 5.24 10.21
N SER A 169 7.02 5.23 9.52
CA SER A 169 6.61 3.99 8.86
C SER A 169 7.66 3.52 7.85
N TYR A 170 8.22 4.45 7.04
CA TYR A 170 9.21 4.01 6.05
C TYR A 170 10.65 4.06 6.56
N ALA A 171 10.96 4.97 7.48
CA ALA A 171 12.33 5.17 7.96
C ALA A 171 12.67 4.33 9.17
N GLY A 172 11.66 3.91 9.94
CA GLY A 172 11.90 3.30 11.22
C GLY A 172 11.92 4.33 12.33
N LYS A 173 12.10 3.82 13.55
CA LYS A 173 12.05 4.60 14.79
C LYS A 173 13.42 5.01 15.33
N ASP A 174 14.51 4.68 14.64
CA ASP A 174 15.84 4.96 15.17
C ASP A 174 16.27 6.39 14.81
N ALA A 175 16.73 7.14 15.83
CA ALA A 175 16.97 8.56 15.61
C ALA A 175 18.13 8.80 14.64
N GLN A 176 19.20 8.01 14.75
CA GLN A 176 20.34 8.19 13.85
C GLN A 176 19.96 7.84 12.41
N THR A 177 19.15 6.78 12.24
CA THR A 177 18.67 6.43 10.91
C THR A 177 17.80 7.55 10.34
N GLN A 178 16.92 8.11 11.16
CA GLN A 178 16.03 9.15 10.66
C GLN A 178 16.83 10.35 10.19
N GLN A 179 17.88 10.70 10.95
CA GLN A 179 18.72 11.82 10.55
C GLN A 179 19.40 11.58 9.21
N LYS A 180 19.73 10.32 8.89
CA LYS A 180 20.27 10.03 7.56
C LYS A 180 19.25 10.38 6.49
N PHE A 181 17.99 10.03 6.72
CA PHE A 181 16.96 10.31 5.74
C PHE A 181 16.75 11.81 5.59
N ARG A 182 16.73 12.52 6.71
CA ARG A 182 16.50 13.96 6.64
C ARG A 182 17.67 14.65 5.95
N TYR A 183 18.91 14.22 6.21
CA TYR A 183 20.06 14.77 5.51
C TYR A 183 19.99 14.47 4.02
N ALA A 184 19.67 13.23 3.65
CA ALA A 184 19.60 12.88 2.24
C ALA A 184 18.61 13.76 1.50
N GLU A 186 17.78 16.78 2.15
CA GLU A 186 18.35 18.10 1.98
C GLU A 186 19.36 18.14 0.83
N GLN A 187 19.99 17.01 0.54
CA GLN A 187 21.06 16.89 -0.45
C GLN A 187 20.60 16.41 -1.83
N GLU A 188 19.41 15.84 -1.94
CA GLU A 188 19.01 15.11 -3.15
C GLU A 188 17.66 15.59 -3.65
N PRO A 189 17.65 16.48 -4.65
CA PRO A 189 16.37 16.98 -5.18
C PRO A 189 15.41 15.89 -5.62
N HIS A 190 15.92 14.76 -6.11
CA HIS A 190 15.00 13.72 -6.57
C HIS A 190 14.11 13.19 -5.45
N LEU A 191 14.56 13.28 -4.20
CA LEU A 191 13.76 12.70 -3.12
C LEU A 191 12.48 13.47 -2.85
N LYS A 193 10.66 14.58 -5.55
CA LYS A 193 9.82 14.38 -6.74
C LYS A 193 8.70 13.39 -6.42
N GLY A 194 7.57 13.52 -7.14
CA GLY A 194 6.42 12.69 -6.86
C GLY A 194 5.79 12.94 -5.51
N THR A 195 5.95 14.14 -4.95
CA THR A 195 5.40 14.48 -3.64
C THR A 195 4.31 15.53 -3.68
N TRP A 196 4.25 16.34 -4.76
CA TRP A 196 3.35 17.48 -4.81
C TRP A 196 3.63 18.49 -3.70
N THR A 198 5.65 21.80 -2.14
CA THR A 198 6.32 23.01 -2.60
C THR A 198 7.26 23.52 -1.52
N SER A 199 8.16 24.44 -1.88
CA SER A 199 9.03 25.04 -0.87
CA SER A 199 9.03 25.04 -0.87
C SER A 199 8.20 25.69 0.23
N GLU A 200 7.07 26.29 -0.15
CA GLU A 200 6.20 26.96 0.81
C GLU A 200 5.56 25.97 1.77
N VAL A 201 5.00 24.86 1.23
CA VAL A 201 4.37 23.86 2.10
C VAL A 201 5.42 23.11 2.90
N LEU A 202 6.59 22.88 2.30
CA LEU A 202 7.67 22.23 3.04
C LEU A 202 8.14 23.09 4.21
N SER A 203 8.25 24.41 3.99
CA SER A 203 8.61 25.31 5.08
C SER A 203 7.59 25.23 6.21
N TRP A 204 6.31 25.29 5.88
CA TRP A 204 5.28 25.20 6.89
C TRP A 204 5.41 23.89 7.65
N LEU A 205 5.55 22.78 6.91
CA LEU A 205 5.69 21.48 7.55
C LEU A 205 6.93 21.41 8.43
N GLN A 206 8.07 21.85 7.90
CA GLN A 206 9.32 21.75 8.65
C GLN A 206 9.31 22.66 9.87
N GLN A 207 8.53 23.75 9.85
CA GLN A 207 8.31 24.51 11.08
C GLN A 207 7.51 23.69 12.09
N ALA A 208 6.43 23.04 11.63
CA ALA A 208 5.63 22.21 12.53
C ALA A 208 6.44 21.05 13.08
N ILE A 209 7.28 20.43 12.24
CA ILE A 209 8.14 19.33 12.68
C ILE A 209 9.16 19.83 13.69
N GLY A 210 9.80 20.96 13.37
CA GLY A 210 10.81 21.51 14.28
C GLY A 210 10.25 21.77 15.66
N VAL A 211 9.01 22.27 15.73
CA VAL A 211 8.35 22.44 17.03
C VAL A 211 8.20 21.11 17.73
N ARG A 214 12.06 19.56 18.83
CA ARG A 214 12.78 20.16 19.94
C ARG A 214 12.07 19.89 21.28
N GLN A 215 10.75 19.73 21.26
CA GLN A 215 9.97 19.54 22.48
C GLN A 215 9.86 18.06 22.89
N TYR B 3 16.54 -20.69 3.43
CA TYR B 3 15.69 -20.57 4.62
C TYR B 3 16.54 -20.48 5.88
N ASP B 4 17.74 -21.08 5.87
CA ASP B 4 18.60 -21.13 7.04
C ASP B 4 19.06 -19.74 7.49
N ARG B 5 19.12 -18.79 6.56
CA ARG B 5 19.51 -17.43 6.89
C ARG B 5 18.36 -16.61 7.46
N TRP B 6 17.14 -17.14 7.47
CA TRP B 6 15.99 -16.35 7.90
C TRP B 6 15.13 -17.00 8.97
N PHE B 7 15.25 -18.29 9.21
CA PHE B 7 14.44 -18.99 10.20
C PHE B 7 15.36 -19.71 11.16
N SER B 8 15.03 -19.63 12.45
CA SER B 8 15.80 -20.33 13.46
C SER B 8 15.68 -21.83 13.28
N GLN B 9 16.63 -22.56 13.86
CA GLN B 9 16.63 -24.00 13.74
C GLN B 9 15.32 -24.61 14.28
N GLN B 10 14.81 -24.05 15.38
CA GLN B 10 13.52 -24.49 15.91
C GLN B 10 12.36 -24.13 14.99
N GLU B 11 12.35 -22.92 14.42
CA GLU B 11 11.25 -22.56 13.50
C GLU B 11 11.27 -23.43 12.26
N LEU B 12 12.46 -23.82 11.79
CA LEU B 12 12.53 -24.67 10.61
C LEU B 12 11.83 -26.01 10.83
N GLN B 13 11.68 -26.44 12.08
CA GLN B 13 11.02 -27.70 12.38
C GLN B 13 9.51 -27.64 12.11
N VAL B 14 8.91 -26.46 12.11
CA VAL B 14 7.46 -26.32 11.94
C VAL B 14 7.09 -25.51 10.72
N LEU B 15 8.06 -25.01 9.96
CA LEU B 15 7.75 -24.27 8.73
C LEU B 15 7.54 -25.27 7.61
N PRO B 16 6.31 -25.43 7.10
CA PRO B 16 6.07 -26.44 6.06
C PRO B 16 6.92 -26.25 4.80
N PHE B 17 7.15 -25.00 4.38
CA PHE B 17 8.04 -24.74 3.24
C PHE B 17 9.36 -25.47 3.37
N ALA B 18 9.84 -25.72 4.59
CA ALA B 18 11.13 -26.36 4.78
C ALA B 18 11.08 -27.88 4.63
N GLU B 19 9.89 -28.47 4.47
CA GLU B 19 9.78 -29.91 4.35
C GLU B 19 10.16 -30.37 2.94
N GLN B 20 10.51 -31.65 2.83
CA GLN B 20 10.55 -32.33 1.55
C GLN B 20 9.12 -32.63 1.13
N ASP B 21 8.66 -32.01 0.04
CA ASP B 21 7.28 -32.16 -0.42
C ASP B 21 7.26 -31.90 -1.92
N GLU B 22 7.30 -32.98 -2.71
CA GLU B 22 7.33 -32.84 -4.16
C GLU B 22 6.07 -32.14 -4.67
N GLN B 23 4.90 -32.52 -4.14
CA GLN B 23 3.67 -31.90 -4.61
C GLN B 23 3.60 -30.44 -4.22
N ARG B 24 4.11 -30.06 -3.03
CA ARG B 24 4.11 -28.65 -2.69
C ARG B 24 4.94 -27.85 -3.69
N ASN B 25 6.11 -28.39 -4.09
CA ASN B 25 6.94 -27.66 -5.05
C ASN B 25 6.26 -27.56 -6.41
N GLN B 26 5.64 -28.66 -6.85
CA GLN B 26 4.89 -28.63 -8.10
C GLN B 26 3.72 -27.66 -8.04
N THR B 27 3.00 -27.62 -6.91
CA THR B 27 1.92 -26.64 -6.79
C THR B 27 2.42 -25.21 -6.99
N TRP B 28 3.53 -24.86 -6.33
CA TRP B 28 4.04 -23.50 -6.47
C TRP B 28 4.58 -23.24 -7.87
N LEU B 29 5.21 -24.24 -8.50
N LEU B 29 5.19 -24.25 -8.50
CA LEU B 29 5.62 -24.08 -9.89
CA LEU B 29 5.63 -24.09 -9.87
C LEU B 29 4.44 -23.70 -10.76
C LEU B 29 4.46 -23.74 -10.78
N GLU B 30 3.29 -24.34 -10.53
CA GLU B 30 2.09 -24.05 -11.32
C GLU B 30 1.54 -22.67 -11.01
N LEU B 31 1.52 -22.29 -9.73
CA LEU B 31 0.99 -20.97 -9.38
C LEU B 31 1.86 -19.85 -9.93
N VAL B 32 3.20 -20.02 -9.82
CA VAL B 32 4.11 -19.01 -10.36
C VAL B 32 4.00 -18.95 -11.88
N GLY B 33 3.93 -20.11 -12.53
CA GLY B 33 3.87 -20.13 -13.99
C GLY B 33 2.63 -19.45 -14.53
N GLU B 34 1.51 -19.61 -13.83
CA GLU B 34 0.27 -18.99 -14.24
C GLU B 34 0.32 -17.49 -14.03
N ALA B 35 0.91 -17.04 -12.91
CA ALA B 35 1.05 -15.60 -12.70
C ALA B 35 1.96 -14.99 -13.75
N GLN B 36 3.05 -15.68 -14.10
CA GLN B 36 3.94 -15.19 -15.16
C GLN B 36 3.20 -15.02 -16.47
N GLN B 37 2.35 -15.99 -16.81
CA GLN B 37 1.63 -15.92 -18.07
C GLN B 37 0.63 -14.77 -18.08
N LEU B 38 -0.13 -14.62 -16.98
CA LEU B 38 -1.12 -13.55 -16.91
C LEU B 38 -0.45 -12.19 -16.96
N GLY B 40 2.46 -11.47 -18.28
CA GLY B 40 2.99 -11.25 -19.61
C GLY B 40 1.94 -10.78 -20.59
N GLU B 41 0.69 -11.18 -20.39
CA GLU B 41 -0.44 -10.71 -21.19
C GLU B 41 -1.06 -9.41 -20.68
N ARG B 42 -0.50 -8.80 -19.63
CA ARG B 42 -1.08 -7.63 -18.99
C ARG B 42 -2.55 -7.89 -18.63
N CYS B 43 -2.78 -9.06 -18.08
CA CYS B 43 -4.11 -9.46 -17.64
C CYS B 43 -4.62 -8.55 -16.52
N PRO B 44 -5.84 -8.03 -16.61
CA PRO B 44 -6.39 -7.25 -15.50
C PRO B 44 -6.53 -8.13 -14.27
N ALA B 45 -6.31 -7.51 -13.10
CA ALA B 45 -6.42 -8.20 -11.83
C ALA B 45 -7.85 -8.62 -11.50
N ASP B 46 -8.85 -8.03 -12.15
CA ASP B 46 -10.24 -8.44 -11.94
C ASP B 46 -10.75 -9.45 -12.97
N GLU B 47 -9.87 -10.04 -13.76
CA GLU B 47 -10.33 -11.16 -14.57
C GLU B 47 -10.57 -12.37 -13.68
N PRO B 48 -11.58 -13.18 -13.99
CA PRO B 48 -11.84 -14.37 -13.16
C PRO B 48 -10.63 -15.26 -12.97
N ARG B 49 -9.81 -15.49 -14.00
CA ARG B 49 -8.63 -16.33 -13.83
C ARG B 49 -7.65 -15.72 -12.84
N ALA B 50 -7.51 -14.39 -12.84
CA ALA B 50 -6.58 -13.74 -11.90
C ALA B 50 -7.10 -13.82 -10.47
N ILE B 51 -8.41 -13.57 -10.28
CA ILE B 51 -9.01 -13.68 -8.96
C ILE B 51 -8.87 -15.11 -8.41
N ALA B 52 -9.15 -16.12 -9.25
CA ALA B 52 -9.04 -17.50 -8.77
C ALA B 52 -7.60 -17.86 -8.44
N LEU B 53 -6.66 -17.42 -9.27
CA LEU B 53 -5.24 -17.63 -8.96
C LEU B 53 -4.87 -17.01 -7.63
N ALA B 54 -5.31 -15.76 -7.39
CA ALA B 54 -4.89 -15.07 -6.17
C ALA B 54 -5.51 -15.73 -4.94
N THR B 55 -6.77 -16.15 -5.01
CA THR B 55 -7.42 -16.87 -3.91
CA THR B 55 -7.30 -16.80 -3.82
C THR B 55 -6.61 -18.13 -3.57
N ARG B 56 -6.22 -18.86 -4.61
CA ARG B 56 -5.46 -20.10 -4.40
C ARG B 56 -4.09 -19.80 -3.82
N TRP B 57 -3.43 -18.74 -4.32
N TRP B 57 -3.46 -18.72 -4.28
CA TRP B 57 -2.16 -18.29 -3.73
CA TRP B 57 -2.17 -18.32 -3.75
C TRP B 57 -2.29 -18.12 -2.23
C TRP B 57 -2.25 -18.06 -2.25
N GLU B 59 -4.59 -19.19 -0.10
CA GLU B 59 -4.84 -20.46 0.59
C GLU B 59 -3.55 -21.25 0.76
N GLN B 60 -2.78 -21.39 -0.34
CA GLN B 60 -1.53 -22.18 -0.30
C GLN B 60 -0.51 -21.53 0.62
N LEU B 61 -0.40 -20.20 0.58
CA LEU B 61 0.59 -19.51 1.39
C LEU B 61 0.27 -19.63 2.87
N GLU B 62 -1.01 -19.56 3.24
CA GLU B 62 -1.35 -19.79 4.63
C GLU B 62 -1.04 -21.20 5.06
N GLN B 63 -1.34 -22.20 4.20
CA GLN B 63 -1.02 -23.59 4.53
C GLN B 63 0.49 -23.77 4.71
N ASP B 64 1.29 -23.19 3.80
CA ASP B 64 2.71 -23.49 3.81
C ASP B 64 3.49 -22.66 4.82
N THR B 65 2.84 -21.68 5.44
CA THR B 65 3.40 -21.01 6.62
C THR B 65 2.82 -21.55 7.91
N ALA B 66 2.04 -22.64 7.84
CA ALA B 66 1.40 -23.26 9.00
C ALA B 66 0.52 -22.26 9.76
N GLY B 67 -0.09 -21.34 9.04
CA GLY B 67 -0.96 -20.34 9.65
C GLY B 67 -0.26 -19.40 10.59
N ARG B 68 1.07 -19.27 10.49
CA ARG B 68 1.82 -18.41 11.41
C ARG B 68 2.06 -17.08 10.75
N PRO B 69 1.39 -16.00 11.16
CA PRO B 69 1.63 -14.71 10.51
C PRO B 69 3.06 -14.27 10.63
N GLU B 70 3.78 -14.66 11.69
CA GLU B 70 5.17 -14.23 11.80
C GLU B 70 6.04 -14.88 10.72
N PHE B 71 5.64 -16.05 10.21
CA PHE B 71 6.36 -16.66 9.10
C PHE B 71 6.06 -15.94 7.80
N LEU B 72 4.81 -15.51 7.61
CA LEU B 72 4.50 -14.66 6.47
C LEU B 72 5.35 -13.39 6.48
N THR B 73 5.46 -12.74 7.65
N THR B 73 5.44 -12.74 7.62
CA THR B 73 6.25 -11.52 7.74
CA THR B 73 6.25 -11.52 7.68
C THR B 73 7.73 -11.78 7.49
C THR B 73 7.72 -11.81 7.38
N ARG B 74 8.23 -12.95 7.86
CA ARG B 74 9.61 -13.30 7.55
C ARG B 74 9.82 -13.49 6.04
N LEU B 75 8.85 -14.10 5.35
CA LEU B 75 8.94 -14.19 3.90
C LEU B 75 9.03 -12.80 3.26
N ASN B 76 8.22 -11.86 3.74
CA ASN B 76 8.28 -10.49 3.20
C ASN B 76 9.63 -9.85 3.46
N GLU B 77 10.23 -10.13 4.63
CA GLU B 77 11.58 -9.61 4.86
C GLU B 77 12.56 -10.17 3.84
N HIS B 79 11.79 -11.22 0.76
CA HIS B 79 11.57 -10.59 -0.54
C HIS B 79 12.27 -9.25 -0.63
N ALA B 80 12.35 -8.53 0.48
CA ALA B 80 13.00 -7.21 0.46
C ALA B 80 14.52 -7.29 0.53
N ALA B 81 15.08 -8.34 1.12
CA ALA B 81 16.50 -8.32 1.43
C ALA B 81 17.32 -9.43 0.81
N GLU B 82 16.69 -10.51 0.37
CA GLU B 82 17.39 -11.76 0.12
C GLU B 82 17.63 -11.91 -1.37
N PRO B 83 18.88 -11.84 -1.83
CA PRO B 83 19.14 -11.73 -3.27
C PRO B 83 18.68 -12.94 -4.07
N GLN B 84 18.74 -14.13 -3.48
N GLN B 84 18.79 -14.14 -3.52
CA GLN B 84 18.36 -15.36 -4.18
CA GLN B 84 18.47 -15.33 -4.29
C GLN B 84 16.86 -15.53 -4.34
C GLN B 84 16.96 -15.59 -4.43
N ARG B 86 14.19 -14.16 -5.86
CA ARG B 86 13.56 -14.13 -7.18
C ARG B 86 13.89 -15.40 -7.96
N GLU B 87 15.19 -15.68 -8.13
CA GLU B 87 15.61 -16.79 -8.97
C GLU B 87 15.42 -18.14 -8.31
N GLN B 88 15.41 -18.19 -6.98
CA GLN B 88 15.17 -19.46 -6.28
C GLN B 88 13.71 -19.86 -6.30
N THR B 89 12.78 -18.90 -6.18
CA THR B 89 11.37 -19.23 -6.04
C THR B 89 10.53 -18.87 -7.26
N GLY B 90 11.03 -18.04 -8.17
CA GLY B 90 10.21 -17.46 -9.22
C GLY B 90 9.25 -16.37 -8.77
N VAL B 91 9.14 -16.10 -7.48
CA VAL B 91 8.21 -15.09 -6.98
C VAL B 91 8.94 -13.75 -6.91
N THR B 92 8.34 -12.74 -7.53
CA THR B 92 8.94 -11.41 -7.59
C THR B 92 8.06 -10.39 -6.89
N PRO B 93 8.61 -9.22 -6.53
CA PRO B 93 7.76 -8.20 -5.92
C PRO B 93 6.66 -7.73 -6.85
N GLU B 94 6.94 -7.66 -8.14
CA GLU B 94 5.93 -7.23 -9.10
C GLU B 94 4.80 -8.25 -9.18
N ILE B 96 3.95 -10.24 -6.69
CA ILE B 96 3.19 -10.16 -5.46
C ILE B 96 2.20 -8.99 -5.51
N ASP B 97 2.60 -7.86 -6.11
CA ASP B 97 1.67 -6.74 -6.26
C ASP B 97 0.46 -7.17 -7.11
N PHE B 98 0.69 -7.91 -8.19
CA PHE B 98 -0.44 -8.38 -9.00
C PHE B 98 -1.38 -9.27 -8.20
N ILE B 99 -0.81 -10.24 -7.46
CA ILE B 99 -1.64 -11.14 -6.64
C ILE B 99 -2.40 -10.36 -5.59
N THR B 100 -1.72 -9.39 -4.96
CA THR B 100 -2.39 -8.54 -3.97
C THR B 100 -3.63 -7.87 -4.55
N ARG B 101 -3.50 -7.28 -5.75
CA ARG B 101 -4.62 -6.56 -6.34
C ARG B 101 -5.74 -7.50 -6.75
N ALA B 102 -5.38 -8.69 -7.29
CA ALA B 102 -6.38 -9.68 -7.67
C ALA B 102 -7.09 -10.22 -6.43
N PHE B 103 -6.36 -10.43 -5.34
CA PHE B 103 -7.02 -10.86 -4.12
C PHE B 103 -7.94 -9.77 -3.55
N ALA B 104 -7.53 -8.51 -3.66
CA ALA B 104 -8.41 -7.42 -3.28
C ALA B 104 -9.71 -7.47 -4.08
N GLU B 105 -9.58 -7.67 -5.39
CA GLU B 105 -10.77 -7.74 -6.22
C GLU B 105 -11.67 -8.89 -5.81
N SER B 106 -11.10 -9.98 -5.28
CA SER B 106 -11.95 -11.08 -4.80
C SER B 106 -12.83 -10.62 -3.63
N LYS B 107 -12.34 -9.72 -2.80
CA LYS B 107 -13.15 -9.23 -1.68
C LYS B 107 -14.08 -8.10 -2.09
N LEU B 108 -13.62 -7.20 -2.98
CA LEU B 108 -14.51 -6.17 -3.49
C LEU B 108 -15.71 -6.75 -4.20
N ALA B 109 -15.56 -7.93 -4.84
CA ALA B 109 -16.68 -8.57 -5.54
C ALA B 109 -17.78 -8.95 -4.57
N ILE B 110 -17.40 -9.28 -3.33
CA ILE B 110 -18.35 -9.63 -2.29
C ILE B 110 -18.93 -8.38 -1.64
N TRP B 111 -18.06 -7.46 -1.23
CA TRP B 111 -18.54 -6.24 -0.61
C TRP B 111 -19.50 -5.46 -1.50
N ALA B 112 -19.42 -5.65 -2.82
CA ALA B 112 -20.33 -4.92 -3.71
C ALA B 112 -21.79 -5.22 -3.37
N ARG B 113 -22.09 -6.43 -2.93
CA ARG B 113 -23.45 -6.82 -2.56
C ARG B 113 -23.94 -6.09 -1.32
N TYR B 114 -23.02 -5.65 -0.47
CA TYR B 114 -23.35 -5.08 0.83
C TYR B 114 -23.33 -3.57 0.87
N LEU B 115 -22.68 -2.92 -0.09
CA LEU B 115 -22.43 -1.49 -0.06
C LEU B 115 -23.12 -0.82 -1.22
N ASN B 116 -23.30 0.50 -1.10
CA ASN B 116 -23.72 1.27 -2.26
C ASN B 116 -22.49 1.60 -3.10
N ALA B 117 -22.71 2.23 -4.26
CA ALA B 117 -21.61 2.40 -5.19
C ALA B 117 -20.55 3.36 -4.65
N GLU B 118 -20.97 4.34 -3.85
N GLU B 118 -20.99 4.38 -3.91
CA GLU B 118 -20.04 5.33 -3.33
CA GLU B 118 -20.03 5.32 -3.32
C GLU B 118 -19.18 4.76 -2.20
C GLU B 118 -19.14 4.61 -2.32
N GLU B 119 -19.75 3.87 -1.39
CA GLU B 119 -18.98 3.15 -0.38
C GLU B 119 -18.00 2.20 -1.02
N LEU B 120 -18.44 1.48 -2.07
CA LEU B 120 -17.58 0.54 -2.74
C LEU B 120 -16.42 1.25 -3.43
N ALA B 121 -16.69 2.39 -4.06
CA ALA B 121 -15.62 3.15 -4.70
C ALA B 121 -14.61 3.66 -3.69
N PHE B 122 -15.09 4.11 -2.52
CA PHE B 122 -14.16 4.54 -1.48
C PHE B 122 -13.24 3.39 -1.08
N THR B 123 -13.82 2.20 -0.88
CA THR B 123 -13.01 1.09 -0.40
C THR B 123 -12.12 0.52 -1.50
N ARG B 124 -12.56 0.54 -2.77
CA ARG B 124 -11.67 0.12 -3.86
C ARG B 124 -10.37 0.92 -3.86
N GLN B 125 -10.47 2.22 -3.62
CA GLN B 125 -9.30 3.08 -3.52
C GLN B 125 -8.54 2.83 -2.21
N HIS B 126 -9.23 2.88 -1.09
CA HIS B 126 -8.50 2.97 0.17
C HIS B 126 -8.21 1.61 0.79
N TYR B 127 -8.70 0.51 0.21
CA TYR B 127 -8.32 -0.82 0.70
C TYR B 127 -6.80 -0.99 0.77
N PHE B 128 -6.07 -0.36 -0.15
CA PHE B 128 -4.64 -0.60 -0.21
C PHE B 128 -3.84 0.31 0.71
N ASP B 129 -4.47 1.29 1.34
CA ASP B 129 -3.72 2.36 2.00
C ASP B 129 -2.79 1.81 3.08
N ARG B 130 -3.30 0.88 3.89
CA ARG B 130 -2.56 0.34 5.03
C ARG B 130 -2.64 -1.18 5.04
N LEU B 131 -2.99 -1.77 3.91
CA LEU B 131 -3.10 -3.21 3.78
C LEU B 131 -1.88 -3.94 4.32
N GLU B 133 0.11 -3.38 6.62
CA GLU B 133 0.30 -3.38 8.07
C GLU B 133 -0.50 -4.45 8.79
N TRP B 134 -1.38 -5.17 8.10
CA TRP B 134 -2.18 -6.16 8.83
C TRP B 134 -1.37 -7.36 9.36
N PRO B 135 -0.41 -7.93 8.61
CA PRO B 135 0.30 -9.09 9.18
C PRO B 135 0.99 -8.81 10.53
N ALA B 136 1.60 -7.63 10.70
CA ALA B 136 2.20 -7.34 12.01
C ALA B 136 1.14 -7.31 13.11
N LEU B 137 -0.04 -6.75 12.82
CA LEU B 137 -1.10 -6.71 13.82
C LEU B 137 -1.61 -8.12 14.11
N VAL B 138 -1.79 -8.94 13.06
CA VAL B 138 -2.26 -10.31 13.28
C VAL B 138 -1.30 -11.09 14.14
N ALA B 139 0.02 -10.96 13.90
CA ALA B 139 0.96 -11.66 14.77
C ALA B 139 0.85 -11.21 16.23
N ASP B 140 0.68 -9.90 16.45
CA ASP B 140 0.51 -9.40 17.82
C ASP B 140 -0.78 -9.91 18.46
N LEU B 141 -1.86 -10.06 17.67
CA LEU B 141 -3.12 -10.58 18.17
C LEU B 141 -3.00 -12.07 18.53
N HIS B 142 -2.31 -12.86 17.70
CA HIS B 142 -2.05 -14.24 18.08
C HIS B 142 -1.28 -14.31 19.39
N ARG B 143 -0.26 -13.46 19.53
CA ARG B 143 0.56 -13.51 20.74
C ARG B 143 -0.26 -13.12 21.97
N ALA B 144 -1.05 -12.05 21.85
CA ALA B 144 -1.88 -11.63 22.98
C ALA B 144 -2.84 -12.74 23.39
N CYS B 145 -3.45 -13.39 22.41
CA CYS B 145 -4.39 -14.47 22.70
C CYS B 145 -3.68 -15.65 23.34
N ARG B 146 -2.51 -16.03 22.81
CA ARG B 146 -1.74 -17.15 23.35
C ARG B 146 -1.31 -16.87 24.79
N GLU B 147 -0.95 -15.63 25.08
CA GLU B 147 -0.44 -15.25 26.38
C GLU B 147 -1.53 -14.93 27.38
N LYS B 148 -2.78 -15.18 27.00
CA LYS B 148 -3.94 -14.94 27.86
C LYS B 148 -4.00 -13.50 28.34
N ARG B 149 -3.59 -12.56 27.47
CA ARG B 149 -3.69 -11.15 27.81
C ARG B 149 -5.15 -10.75 27.97
N ASP B 150 -5.40 -9.87 28.93
CA ASP B 150 -6.77 -9.38 29.13
C ASP B 150 -7.13 -8.43 27.99
N PRO B 151 -8.25 -8.66 27.30
CA PRO B 151 -8.64 -7.74 26.21
C PRO B 151 -8.82 -6.31 26.68
N ALA B 152 -9.09 -6.09 27.97
CA ALA B 152 -9.33 -4.75 28.50
C ALA B 152 -8.07 -4.07 29.02
N SER B 153 -6.93 -4.77 29.02
CA SER B 153 -5.66 -4.25 29.49
C SER B 153 -5.15 -3.15 28.56
N PRO B 154 -4.20 -2.32 29.00
CA PRO B 154 -3.64 -1.33 28.07
C PRO B 154 -3.13 -1.97 26.78
N GLU B 155 -2.48 -3.13 26.88
CA GLU B 155 -1.96 -3.82 25.71
C GLU B 155 -3.09 -4.29 24.78
N GLY B 156 -4.11 -4.92 25.35
CA GLY B 156 -5.23 -5.38 24.54
C GLY B 156 -5.96 -4.22 23.88
N GLN B 157 -6.05 -3.11 24.60
CA GLN B 157 -6.73 -1.94 24.04
C GLN B 157 -5.90 -1.27 22.98
N GLN B 158 -4.57 -1.30 23.09
CA GLN B 158 -3.77 -0.78 21.98
C GLN B 158 -3.94 -1.63 20.73
N LEU B 159 -4.12 -2.94 20.88
CA LEU B 159 -4.38 -3.76 19.70
C LEU B 159 -5.74 -3.44 19.09
N ALA B 160 -6.77 -3.25 19.93
CA ALA B 160 -8.08 -2.85 19.42
C ALA B 160 -8.01 -1.51 18.69
N GLN B 161 -7.24 -0.54 19.21
CA GLN B 161 -7.08 0.75 18.56
C GLN B 161 -6.35 0.61 17.23
N ARG B 162 -5.35 -0.27 17.18
CA ARG B 162 -4.67 -0.49 15.90
C ARG B 162 -5.61 -1.11 14.88
N TRP B 163 -6.43 -2.07 15.32
CA TRP B 163 -7.46 -2.64 14.43
C TRP B 163 -8.37 -1.55 13.91
N LEU B 164 -8.86 -0.69 14.81
CA LEU B 164 -9.79 0.34 14.37
C LEU B 164 -9.16 1.25 13.32
N ALA B 165 -7.89 1.60 13.50
CA ALA B 165 -7.26 2.47 12.50
C ALA B 165 -7.14 1.78 11.14
N LEU B 166 -6.79 0.49 11.11
CA LEU B 166 -6.69 -0.23 9.84
C LEU B 166 -8.07 -0.45 9.23
N PHE B 167 -9.06 -0.74 10.09
CA PHE B 167 -10.43 -0.94 9.63
C PHE B 167 -10.99 0.33 9.01
N GLN B 168 -10.90 1.44 9.77
CA GLN B 168 -11.44 2.71 9.29
C GLN B 168 -10.69 3.16 8.05
N SER B 169 -9.43 2.77 7.91
CA SER B 169 -8.69 3.12 6.70
C SER B 169 -9.38 2.59 5.45
N TYR B 170 -9.86 1.34 5.47
CA TYR B 170 -10.49 0.77 4.27
C TYR B 170 -11.99 1.04 4.24
N ALA B 171 -12.64 1.08 5.40
CA ALA B 171 -14.09 1.21 5.45
C ALA B 171 -14.56 2.64 5.46
N GLY B 172 -13.71 3.58 5.89
CA GLY B 172 -14.13 4.95 6.10
C GLY B 172 -14.65 5.17 7.51
N LYS B 173 -15.03 6.41 7.78
CA LYS B 173 -15.37 6.77 9.15
C LYS B 173 -16.87 6.83 9.41
N ASP B 174 -17.71 6.50 8.44
CA ASP B 174 -19.15 6.58 8.66
C ASP B 174 -19.63 5.35 9.44
N ALA B 175 -20.32 5.60 10.55
CA ALA B 175 -20.75 4.52 11.43
C ALA B 175 -21.69 3.55 10.72
N GLN B 176 -22.59 4.06 9.88
CA GLN B 176 -23.50 3.18 9.16
C GLN B 176 -22.76 2.31 8.15
N THR B 177 -21.81 2.90 7.42
CA THR B 177 -21.00 2.13 6.48
C THR B 177 -20.20 1.05 7.19
N GLN B 178 -19.58 1.41 8.32
CA GLN B 178 -18.81 0.44 9.09
C GLN B 178 -19.66 -0.74 9.51
N GLN B 179 -20.92 -0.49 9.89
N GLN B 179 -20.91 -0.49 9.93
CA GLN B 179 -21.79 -1.59 10.31
CA GLN B 179 -21.81 -1.58 10.29
C GLN B 179 -22.11 -2.54 9.15
C GLN B 179 -21.96 -2.56 9.13
N LYS B 180 -22.12 -2.04 7.91
CA LYS B 180 -22.28 -2.93 6.76
C LYS B 180 -21.08 -3.85 6.61
N PHE B 181 -19.87 -3.32 6.80
CA PHE B 181 -18.68 -4.15 6.70
C PHE B 181 -18.64 -5.19 7.81
N ARG B 182 -19.05 -4.82 9.03
CA ARG B 182 -18.99 -5.81 10.10
C ARG B 182 -20.05 -6.87 9.92
N TYR B 183 -21.21 -6.49 9.39
CA TYR B 183 -22.23 -7.47 8.99
C TYR B 183 -21.70 -8.40 7.92
N ALA B 184 -21.02 -7.86 6.90
CA ALA B 184 -20.50 -8.73 5.85
C ALA B 184 -19.49 -9.73 6.41
N GLU B 186 -19.46 -11.00 9.36
CA GLU B 186 -20.21 -12.04 10.05
C GLU B 186 -20.76 -13.08 9.09
N GLN B 187 -21.12 -12.67 7.87
CA GLN B 187 -21.91 -13.49 6.96
C GLN B 187 -21.12 -14.13 5.83
N GLU B 188 -19.85 -13.76 5.63
CA GLU B 188 -19.12 -14.13 4.43
C GLU B 188 -17.79 -14.76 4.80
N PRO B 189 -17.71 -16.10 4.80
CA PRO B 189 -16.44 -16.74 5.14
C PRO B 189 -15.27 -16.35 4.25
N HIS B 190 -15.48 -15.98 2.98
CA HIS B 190 -14.34 -15.59 2.16
C HIS B 190 -13.64 -14.37 2.72
N LEU B 191 -14.36 -13.51 3.42
CA LEU B 191 -13.71 -12.29 3.91
C LEU B 191 -12.69 -12.57 5.01
N LYS B 193 -10.45 -15.01 4.49
N LYS B 193 -10.44 -15.09 4.52
CA LYS B 193 -9.34 -15.64 3.79
CA LYS B 193 -9.32 -15.71 3.84
C LYS B 193 -8.20 -14.64 3.64
C LYS B 193 -8.20 -14.67 3.64
N GLY B 194 -6.97 -15.15 3.60
CA GLY B 194 -5.83 -14.25 3.46
C GLY B 194 -5.58 -13.38 4.66
N THR B 195 -6.06 -13.79 5.86
CA THR B 195 -5.90 -12.99 7.07
C THR B 195 -5.01 -13.62 8.12
N TRP B 196 -4.75 -14.93 8.02
CA TRP B 196 -4.03 -15.68 9.05
C TRP B 196 -4.73 -15.58 10.41
N THR B 198 -7.71 -16.93 13.13
CA THR B 198 -8.47 -18.09 13.55
C THR B 198 -9.71 -17.61 14.28
N SER B 199 -10.66 -18.53 14.47
N SER B 199 -10.67 -18.52 14.48
CA SER B 199 -11.85 -18.19 15.24
CA SER B 199 -11.86 -18.14 15.24
C SER B 199 -11.48 -17.75 16.67
C SER B 199 -11.48 -17.74 16.67
N GLU B 200 -10.50 -18.42 17.27
CA GLU B 200 -10.08 -18.10 18.63
C GLU B 200 -9.48 -16.71 18.71
N VAL B 201 -8.60 -16.36 17.77
CA VAL B 201 -7.99 -15.04 17.83
C VAL B 201 -9.01 -13.97 17.46
N LEU B 202 -9.90 -14.28 16.52
CA LEU B 202 -10.95 -13.31 16.19
C LEU B 202 -11.84 -13.04 17.40
N SER B 203 -12.18 -14.09 18.14
N SER B 203 -12.17 -14.08 18.16
CA SER B 203 -12.98 -13.92 19.35
CA SER B 203 -13.00 -13.88 19.35
C SER B 203 -12.28 -13.01 20.34
C SER B 203 -12.29 -13.04 20.39
N TRP B 204 -10.99 -13.25 20.57
CA TRP B 204 -10.21 -12.38 21.46
C TRP B 204 -10.25 -10.93 20.97
N LEU B 205 -9.95 -10.71 19.67
CA LEU B 205 -9.98 -9.36 19.13
C LEU B 205 -11.35 -8.73 19.33
N GLN B 206 -12.43 -9.47 19.05
CA GLN B 206 -13.76 -8.89 19.17
C GLN B 206 -14.11 -8.55 20.62
N GLN B 207 -13.58 -9.29 21.60
CA GLN B 207 -13.73 -8.84 22.98
C GLN B 207 -13.05 -7.49 23.21
N ALA B 208 -11.83 -7.33 22.66
CA ALA B 208 -11.10 -6.09 22.87
C ALA B 208 -11.81 -4.94 22.17
N ILE B 209 -12.36 -5.18 20.97
CA ILE B 209 -13.11 -4.14 20.27
C ILE B 209 -14.35 -3.76 21.06
N GLY B 210 -15.05 -4.76 21.61
CA GLY B 210 -16.24 -4.47 22.40
C GLY B 210 -15.95 -3.56 23.57
N VAL B 211 -14.84 -3.80 24.28
CA VAL B 211 -14.48 -2.96 25.42
C VAL B 211 -14.18 -1.54 24.96
N ARG B 214 -17.51 0.32 23.95
CA ARG B 214 -18.34 0.68 25.11
C ARG B 214 -17.71 1.78 25.94
N GLN B 215 -16.37 1.83 26.00
N GLN B 215 -16.38 1.83 26.01
CA GLN B 215 -15.66 2.80 26.81
CA GLN B 215 -15.70 2.83 26.83
C GLN B 215 -15.44 4.12 26.07
C GLN B 215 -15.30 4.07 26.04
N ALA B 216 -15.64 4.14 24.75
CA ALA B 216 -15.37 5.34 23.95
C ALA B 216 -16.33 6.47 24.30
#